data_9J27
#
_entry.id   9J27
#
_cell.length_a   90.168
_cell.length_b   90.168
_cell.length_c   64.733
_cell.angle_alpha   90.00
_cell.angle_beta   90.00
_cell.angle_gamma   120.00
#
_symmetry.space_group_name_H-M   'P 32 2 1'
#
loop_
_entity.id
_entity.type
_entity.pdbx_description
1 polymer SaPolF
2 non-polymer 'FE (II) ION'
3 non-polymer ISOLEUCINE
4 water water
#
_entity_poly.entity_id   1
_entity_poly.type   'polypeptide(L)'
_entity_poly.pdbx_seq_one_letter_code
;MVTPLSAAARRELDERTDREIDRARLRRADNGFFGAARNAETVSAAAGYTVAVWWRQMTKSFMFTTLAGLGTLARDYASR
DADRELLGAFQTVYQVIGDDLDNAAPEFSAVAPTGPAGIHYVWWDDTIVAPLAAHVPEPDRDAAAAVPEPIRALLANMDR
LAADPLGAAVQLRVVETIALDIAVGFRRMYGKVLVDGERVFGSNDQFAWIDAHIKAETVHAAQVSDDETGMTGLVTDEAQ
AAEFVRLVEEYARHWSAALECFADCLTGTGTGTGRTGGASSGETVAAAPAAS
;
_entity_poly.pdbx_strand_id   A
#
# COMPACT_ATOMS: atom_id res chain seq x y z
N SER A 6 -3.43 26.48 13.98
CA SER A 6 -2.31 25.81 13.28
C SER A 6 -1.32 25.24 14.30
N ALA A 7 -1.61 25.37 15.60
CA ALA A 7 -0.68 24.87 16.64
C ALA A 7 -0.94 23.48 17.22
N ALA A 8 -2.07 23.30 17.89
CA ALA A 8 -2.43 21.96 18.41
C ALA A 8 -3.25 21.43 17.24
N ALA A 9 -3.63 22.32 16.34
CA ALA A 9 -4.38 21.87 15.18
C ALA A 9 -3.67 20.70 14.51
N ARG A 10 -2.34 20.80 14.37
CA ARG A 10 -1.57 19.70 13.79
C ARG A 10 -1.73 18.43 14.62
N ARG A 11 -1.66 18.56 15.95
CA ARG A 11 -1.82 17.40 16.83
C ARG A 11 -3.21 16.78 16.70
N GLU A 12 -4.23 17.61 16.66
CA GLU A 12 -5.61 17.06 16.58
C GLU A 12 -5.78 16.34 15.25
N LEU A 13 -5.27 16.93 14.17
CA LEU A 13 -5.40 16.32 12.81
C LEU A 13 -4.83 14.91 12.87
N ASP A 14 -3.62 14.79 13.38
CA ASP A 14 -2.95 13.46 13.42
C ASP A 14 -3.80 12.50 14.25
N GLU A 15 -4.22 12.91 15.43
CA GLU A 15 -4.99 12.01 16.32
C GLU A 15 -6.32 11.66 15.65
N ARG A 16 -7.00 12.65 15.06
CA ARG A 16 -8.23 12.34 14.33
C ARG A 16 -7.98 11.35 13.19
N THR A 17 -6.86 11.51 12.48
CA THR A 17 -6.59 10.61 11.36
C THR A 17 -6.45 9.17 11.84
N ASP A 18 -5.76 8.96 12.95
CA ASP A 18 -5.69 7.62 13.51
C ASP A 18 -7.04 7.14 13.96
N ARG A 19 -7.89 8.05 14.45
CA ARG A 19 -9.26 7.69 14.77
C ARG A 19 -10.00 7.20 13.51
N GLU A 20 -9.86 7.93 12.40
CA GLU A 20 -10.49 7.48 11.17
C GLU A 20 -9.98 6.10 10.78
N ILE A 21 -8.66 5.86 10.90
CA ILE A 21 -8.11 4.55 10.57
C ILE A 21 -8.59 3.49 11.55
N ASP A 22 -8.71 3.85 12.83
CA ASP A 22 -9.36 2.94 13.79
C ASP A 22 -10.73 2.55 13.28
N ARG A 23 -11.57 3.55 13.04
CA ARG A 23 -12.97 3.30 12.70
C ARG A 23 -13.12 2.48 11.44
N ALA A 24 -12.23 2.70 10.45
CA ALA A 24 -12.34 1.98 9.19
C ALA A 24 -11.96 0.52 9.32
N ARG A 25 -11.64 0.06 10.53
CA ARG A 25 -11.26 -1.33 10.77
C ARG A 25 -10.03 -1.70 9.94
N LEU A 26 -9.00 -0.89 10.05
CA LEU A 26 -7.74 -1.18 9.37
C LEU A 26 -6.64 -1.69 10.29
N ARG A 27 -6.81 -1.60 11.62
CA ARG A 27 -5.76 -2.01 12.56
C ARG A 27 -5.55 -3.52 12.53
N ARG A 28 -4.34 -3.93 12.93
CA ARG A 28 -3.94 -5.34 12.92
C ARG A 28 -5.04 -6.23 13.45
N ALA A 29 -5.71 -5.76 14.51
CA ALA A 29 -6.66 -6.57 15.25
C ALA A 29 -8.00 -6.70 14.55
N ASP A 30 -8.33 -5.74 13.69
CA ASP A 30 -9.71 -5.57 13.24
C ASP A 30 -9.96 -6.01 11.81
N ASN A 31 -8.99 -5.85 10.91
CA ASN A 31 -9.25 -6.15 9.51
C ASN A 31 -9.13 -7.64 9.26
N GLY A 32 -10.14 -8.21 8.59
CA GLY A 32 -10.17 -9.63 8.38
C GLY A 32 -8.94 -10.19 7.68
N PHE A 33 -8.27 -9.37 6.86
CA PHE A 33 -7.17 -9.93 6.08
C PHE A 33 -6.05 -10.40 6.98
N PHE A 34 -5.70 -9.64 8.00
CA PHE A 34 -4.54 -10.01 8.80
C PHE A 34 -4.77 -11.33 9.54
N GLY A 35 -6.05 -11.69 9.73
CA GLY A 35 -6.38 -13.01 10.31
C GLY A 35 -6.02 -14.17 9.39
N ALA A 36 -5.46 -13.89 8.20
CA ALA A 36 -4.96 -14.95 7.29
C ALA A 36 -3.94 -15.81 8.02
N ALA A 37 -3.25 -15.26 9.01
CA ALA A 37 -2.33 -16.06 9.85
C ALA A 37 -3.11 -17.29 10.34
N ARG A 38 -4.34 -17.07 10.81
CA ARG A 38 -5.15 -18.17 11.36
C ARG A 38 -5.49 -19.14 10.22
N ASN A 39 -5.62 -18.60 9.02
CA ASN A 39 -6.01 -19.45 7.86
C ASN A 39 -4.78 -20.27 7.50
N ALA A 40 -4.40 -21.22 8.36
CA ALA A 40 -3.30 -22.13 8.01
C ALA A 40 -3.80 -22.96 6.84
N GLU A 41 -5.11 -23.07 6.68
CA GLU A 41 -5.69 -23.78 5.51
C GLU A 41 -4.79 -23.52 4.31
N THR A 42 -3.85 -24.44 4.06
CA THR A 42 -2.93 -24.29 2.92
C THR A 42 -3.56 -23.34 1.89
N VAL A 43 -3.13 -22.08 1.89
CA VAL A 43 -3.63 -21.13 0.87
C VAL A 43 -3.52 -21.80 -0.49
N SER A 44 -4.63 -21.89 -1.22
CA SER A 44 -4.58 -22.44 -2.60
C SER A 44 -3.69 -21.59 -3.49
N ALA A 45 -2.91 -22.22 -4.37
CA ALA A 45 -2.10 -21.44 -5.31
C ALA A 45 -3.02 -20.44 -6.01
N ALA A 46 -4.18 -20.92 -6.40
CA ALA A 46 -5.11 -20.04 -7.10
C ALA A 46 -5.49 -18.84 -6.24
N ALA A 47 -5.73 -19.06 -4.94
CA ALA A 47 -6.02 -17.95 -4.05
C ALA A 47 -4.83 -17.01 -3.98
N GLY A 48 -3.62 -17.56 -3.87
CA GLY A 48 -2.44 -16.72 -3.86
C GLY A 48 -2.29 -15.91 -5.14
N TYR A 49 -2.52 -16.56 -6.29
CA TYR A 49 -2.47 -15.85 -7.57
C TYR A 49 -3.50 -14.72 -7.61
N THR A 50 -4.73 -15.00 -7.21
CA THR A 50 -5.77 -13.99 -7.32
C THR A 50 -5.41 -12.75 -6.52
N VAL A 51 -5.04 -12.93 -5.26
CA VAL A 51 -4.65 -11.80 -4.42
C VAL A 51 -3.42 -11.10 -5.00
N ALA A 52 -2.43 -11.87 -5.47
CA ALA A 52 -1.20 -11.28 -6.00
C ALA A 52 -1.49 -10.37 -7.18
N VAL A 53 -2.42 -10.77 -8.05
CA VAL A 53 -2.72 -9.97 -9.24
C VAL A 53 -3.49 -8.73 -8.86
N TRP A 54 -4.46 -8.87 -7.97
CA TRP A 54 -5.10 -7.69 -7.38
C TRP A 54 -4.08 -6.75 -6.75
N TRP A 55 -3.19 -7.30 -5.93
CA TRP A 55 -2.21 -6.45 -5.25
C TRP A 55 -1.32 -5.74 -6.25
N ARG A 56 -0.93 -6.43 -7.33
CA ARG A 56 -0.09 -5.82 -8.34
C ARG A 56 -0.68 -4.50 -8.81
N GLN A 57 -1.95 -4.51 -9.20
CA GLN A 57 -2.56 -3.28 -9.68
C GLN A 57 -2.73 -2.26 -8.55
N MET A 58 -3.08 -2.73 -7.34
CA MET A 58 -3.25 -1.79 -6.24
C MET A 58 -1.96 -1.05 -5.95
N THR A 59 -0.84 -1.78 -5.88
CA THR A 59 0.40 -1.08 -5.58
C THR A 59 0.86 -0.25 -6.78
N LYS A 60 0.63 -0.74 -8.01
CA LYS A 60 1.00 0.05 -9.19
C LYS A 60 0.25 1.37 -9.20
N SER A 61 -1.07 1.31 -8.97
CA SER A 61 -1.88 2.51 -8.88
C SER A 61 -1.45 3.40 -7.73
N PHE A 62 -1.24 2.81 -6.54
CA PHE A 62 -0.77 3.60 -5.41
C PHE A 62 0.43 4.44 -5.81
N MET A 63 1.45 3.80 -6.38
CA MET A 63 2.67 4.52 -6.70
C MET A 63 2.42 5.62 -7.71
N PHE A 64 1.73 5.30 -8.80
CA PHE A 64 1.59 6.28 -9.87
C PHE A 64 0.64 7.42 -9.47
N THR A 65 -0.44 7.11 -8.75
CA THR A 65 -1.34 8.19 -8.40
C THR A 65 -0.79 9.05 -7.27
N THR A 66 0.10 8.50 -6.43
CA THR A 66 0.78 9.32 -5.42
C THR A 66 1.79 10.27 -6.06
N LEU A 67 2.62 9.75 -6.98
CA LEU A 67 3.47 10.65 -7.77
C LEU A 67 2.63 11.69 -8.52
N ALA A 68 1.52 11.26 -9.13
CA ALA A 68 0.60 12.20 -9.77
C ALA A 68 0.08 13.23 -8.77
N GLY A 69 -0.29 12.80 -7.56
CA GLY A 69 -0.70 13.76 -6.55
C GLY A 69 0.39 14.74 -6.18
N LEU A 70 1.65 14.30 -6.20
CA LEU A 70 2.75 15.23 -5.92
C LEU A 70 2.88 16.23 -7.05
N GLY A 71 2.75 15.78 -8.28
CA GLY A 71 2.73 16.71 -9.40
C GLY A 71 1.63 17.73 -9.28
N THR A 72 0.43 17.30 -8.85
CA THR A 72 -0.67 18.25 -8.70
C THR A 72 -0.32 19.35 -7.71
N LEU A 73 0.19 18.98 -6.53
CA LEU A 73 0.66 19.98 -5.58
C LEU A 73 1.66 20.91 -6.23
N ALA A 74 2.63 20.35 -6.94
CA ALA A 74 3.70 21.14 -7.54
C ALA A 74 3.15 22.17 -8.49
N ARG A 75 2.18 21.76 -9.33
CA ARG A 75 1.50 22.69 -10.22
C ARG A 75 1.17 24.01 -9.53
N ASP A 76 0.69 23.93 -8.30
CA ASP A 76 0.21 25.10 -7.57
C ASP A 76 1.34 25.94 -7.03
N TYR A 77 2.46 25.33 -6.69
CA TYR A 77 3.48 26.03 -5.95
C TYR A 77 4.53 26.66 -6.85
N ALA A 78 4.40 26.47 -8.17
CA ALA A 78 5.23 27.23 -9.10
C ALA A 78 5.02 28.73 -8.90
N SER A 79 3.76 29.12 -8.71
CA SER A 79 3.33 30.51 -8.56
C SER A 79 3.26 30.93 -7.09
N ARG A 80 2.42 30.23 -6.34
CA ARG A 80 2.21 30.55 -4.92
C ARG A 80 3.52 30.43 -4.14
N ASP A 81 3.73 31.34 -3.18
CA ASP A 81 4.95 31.30 -2.34
C ASP A 81 4.71 30.29 -1.23
N ALA A 82 5.63 29.36 -1.03
CA ALA A 82 5.41 28.30 -0.04
C ALA A 82 6.33 28.49 1.17
N ASP A 83 5.77 28.35 2.37
CA ASP A 83 6.55 28.51 3.62
C ASP A 83 7.60 27.41 3.68
N ARG A 84 8.66 27.64 4.45
CA ARG A 84 9.67 26.61 4.58
C ARG A 84 9.10 25.29 5.05
N GLU A 85 7.96 25.32 5.74
CA GLU A 85 7.37 24.08 6.24
C GLU A 85 6.71 23.29 5.13
N LEU A 86 5.99 23.96 4.23
CA LEU A 86 5.42 23.28 3.08
C LEU A 86 6.52 22.62 2.27
N LEU A 87 7.57 23.39 1.98
CA LEU A 87 8.66 22.88 1.15
C LEU A 87 9.28 21.64 1.77
N GLY A 88 9.46 21.62 3.08
CA GLY A 88 10.00 20.43 3.72
C GLY A 88 9.09 19.22 3.59
N ALA A 89 7.79 19.42 3.74
CA ALA A 89 6.88 18.30 3.52
C ALA A 89 6.88 17.89 2.05
N PHE A 90 6.98 18.87 1.15
CA PHE A 90 7.17 18.60 -0.25
C PHE A 90 8.33 17.63 -0.47
N GLN A 91 9.49 17.97 0.10
CA GLN A 91 10.67 17.12 -0.02
C GLN A 91 10.40 15.74 0.55
N THR A 92 9.66 15.66 1.66
CA THR A 92 9.46 14.37 2.31
C THR A 92 8.66 13.45 1.40
N VAL A 93 7.55 13.97 0.87
CA VAL A 93 6.73 13.19 -0.07
C VAL A 93 7.59 12.68 -1.24
N TYR A 94 8.42 13.55 -1.83
CA TYR A 94 9.30 13.13 -2.92
C TYR A 94 10.22 12.00 -2.47
N GLN A 95 10.87 12.15 -1.32
CA GLN A 95 11.74 11.10 -0.79
C GLN A 95 10.98 9.79 -0.62
N VAL A 96 9.86 9.82 0.10
CA VAL A 96 9.13 8.58 0.41
C VAL A 96 8.72 7.85 -0.86
N ILE A 97 8.23 8.59 -1.86
CA ILE A 97 7.82 8.00 -3.14
C ILE A 97 9.00 7.32 -3.82
N GLY A 98 10.21 7.81 -3.60
CA GLY A 98 11.39 7.21 -4.22
C GLY A 98 11.65 5.77 -3.86
N ASP A 99 11.14 5.31 -2.70
CA ASP A 99 11.23 3.90 -2.36
C ASP A 99 10.58 3.04 -3.42
N ASP A 100 9.28 3.25 -3.64
CA ASP A 100 8.55 2.39 -4.58
C ASP A 100 9.02 2.56 -6.02
N LEU A 101 9.50 3.76 -6.39
CA LEU A 101 9.88 4.01 -7.78
C LEU A 101 11.36 3.74 -8.06
N ASP A 102 12.23 3.91 -7.06
CA ASP A 102 13.67 3.79 -7.30
C ASP A 102 14.42 3.16 -6.14
N ASN A 103 13.72 2.43 -5.26
CA ASN A 103 14.35 1.74 -4.14
C ASN A 103 15.32 2.65 -3.42
N ALA A 104 14.85 3.86 -3.12
CA ALA A 104 15.74 4.86 -2.55
C ALA A 104 16.29 4.43 -1.19
N ALA A 105 15.44 3.73 -0.35
CA ALA A 105 15.88 3.42 1.02
C ALA A 105 16.84 2.23 1.02
N PRO A 106 17.90 2.28 1.85
CA PRO A 106 18.88 1.18 1.88
C PRO A 106 18.29 -0.21 2.10
N GLU A 107 17.30 -0.35 2.99
CA GLU A 107 16.62 -1.62 3.14
C GLU A 107 16.13 -2.21 1.81
N PHE A 108 15.95 -1.38 0.78
CA PHE A 108 15.45 -1.84 -0.51
C PHE A 108 16.56 -1.95 -1.55
N SER A 109 17.33 -0.89 -1.76
CA SER A 109 18.39 -0.92 -2.77
C SER A 109 19.35 -2.07 -2.52
N ALA A 110 19.60 -2.39 -1.25
CA ALA A 110 20.41 -3.53 -0.89
C ALA A 110 19.99 -4.79 -1.62
N VAL A 111 18.69 -4.97 -1.83
CA VAL A 111 18.20 -6.29 -2.18
C VAL A 111 17.40 -6.30 -3.48
N ALA A 112 16.79 -5.18 -3.86
CA ALA A 112 15.89 -5.16 -4.99
C ALA A 112 16.67 -5.24 -6.29
N PRO A 113 16.03 -5.71 -7.36
CA PRO A 113 16.66 -5.66 -8.68
C PRO A 113 16.95 -4.22 -9.09
N THR A 114 17.87 -4.10 -10.05
CA THR A 114 18.32 -2.80 -10.52
C THR A 114 17.36 -2.29 -11.56
N GLY A 115 17.29 -0.96 -11.67
CA GLY A 115 16.53 -0.32 -12.72
C GLY A 115 15.06 -0.63 -12.64
N PRO A 116 14.38 -0.56 -13.77
CA PRO A 116 12.91 -0.73 -13.77
C PRO A 116 12.47 -2.06 -13.20
N ALA A 117 13.35 -3.05 -13.15
CA ALA A 117 13.00 -4.34 -12.55
C ALA A 117 12.71 -4.21 -11.07
N GLY A 118 13.13 -3.11 -10.45
CA GLY A 118 13.01 -2.95 -9.01
C GLY A 118 11.82 -2.10 -8.61
N ILE A 119 11.13 -1.50 -9.59
CA ILE A 119 9.86 -0.84 -9.28
C ILE A 119 8.96 -1.86 -8.62
N HIS A 120 8.41 -1.51 -7.45
CA HIS A 120 7.88 -2.54 -6.57
C HIS A 120 6.69 -3.29 -7.17
N TYR A 121 5.91 -2.65 -8.04
CA TYR A 121 4.86 -3.44 -8.68
C TYR A 121 5.45 -4.36 -9.74
N VAL A 122 6.59 -3.96 -10.32
CA VAL A 122 7.27 -4.85 -11.24
C VAL A 122 7.92 -5.99 -10.48
N TRP A 123 8.71 -5.64 -9.46
CA TRP A 123 9.38 -6.63 -8.63
C TRP A 123 8.39 -7.64 -8.04
N TRP A 124 7.18 -7.18 -7.69
CA TRP A 124 6.14 -8.07 -7.14
C TRP A 124 5.58 -8.98 -8.22
N ASP A 125 5.19 -8.40 -9.36
CA ASP A 125 4.74 -9.19 -10.51
C ASP A 125 5.74 -10.28 -10.87
N ASP A 126 7.03 -9.99 -10.75
CA ASP A 126 8.04 -10.93 -11.22
C ASP A 126 8.31 -12.07 -10.25
N THR A 127 8.29 -11.82 -8.94
CA THR A 127 8.67 -12.84 -7.96
C THR A 127 7.48 -13.44 -7.22
N ILE A 128 6.26 -12.92 -7.37
CA ILE A 128 5.09 -13.47 -6.71
C ILE A 128 4.02 -13.88 -7.71
N VAL A 129 3.64 -12.99 -8.62
CA VAL A 129 2.60 -13.34 -9.57
C VAL A 129 3.09 -14.44 -10.50
N ALA A 130 4.32 -14.30 -11.02
CA ALA A 130 4.81 -15.25 -12.01
C ALA A 130 4.96 -16.66 -11.46
N PRO A 131 5.63 -16.91 -10.32
CA PRO A 131 5.73 -18.30 -9.85
C PRO A 131 4.39 -18.99 -9.71
N LEU A 132 3.37 -18.27 -9.22
CA LEU A 132 2.06 -18.89 -9.00
C LEU A 132 1.31 -19.14 -10.30
N ALA A 133 1.65 -18.40 -11.36
CA ALA A 133 0.93 -18.58 -12.63
C ALA A 133 1.12 -19.99 -13.18
N ALA A 134 2.35 -20.52 -13.11
CA ALA A 134 2.60 -21.87 -13.60
C ALA A 134 1.70 -22.89 -12.91
N HIS A 135 1.41 -22.68 -11.63
CA HIS A 135 0.58 -23.59 -10.87
C HIS A 135 -0.90 -23.24 -10.95
N VAL A 136 -1.29 -22.32 -11.83
CA VAL A 136 -2.70 -21.98 -12.00
C VAL A 136 -3.09 -22.10 -13.48
N PRO A 137 -4.17 -22.81 -13.79
CA PRO A 137 -4.55 -23.01 -15.18
C PRO A 137 -4.86 -21.71 -15.89
N GLU A 138 -4.56 -21.66 -17.18
CA GLU A 138 -4.95 -20.50 -18.01
C GLU A 138 -6.42 -20.15 -17.91
N PRO A 139 -7.37 -21.10 -17.87
CA PRO A 139 -8.77 -20.69 -17.65
C PRO A 139 -9.01 -20.11 -16.27
N ASP A 140 -8.37 -20.68 -15.24
CA ASP A 140 -8.60 -20.22 -13.88
C ASP A 140 -8.16 -18.76 -13.67
N ARG A 141 -7.26 -18.25 -14.49
CA ARG A 141 -6.72 -16.90 -14.31
C ARG A 141 -7.70 -15.81 -14.71
N ASP A 142 -8.90 -16.15 -15.15
CA ASP A 142 -9.93 -15.15 -15.38
C ASP A 142 -10.72 -14.83 -14.12
N ALA A 143 -10.42 -15.49 -12.99
CA ALA A 143 -11.00 -15.11 -11.71
C ALA A 143 -10.38 -13.83 -11.16
N ALA A 144 -9.08 -13.65 -11.38
CA ALA A 144 -8.43 -12.37 -11.08
C ALA A 144 -8.67 -11.33 -12.18
N ALA A 145 -8.80 -11.76 -13.42
CA ALA A 145 -8.96 -10.74 -14.46
C ALA A 145 -10.15 -9.88 -14.06
N ALA A 146 -10.96 -10.39 -13.13
CA ALA A 146 -12.14 -9.65 -12.64
C ALA A 146 -11.83 -9.05 -11.29
N VAL A 147 -11.82 -7.72 -11.20
CA VAL A 147 -11.53 -7.03 -9.93
C VAL A 147 -12.86 -6.76 -9.24
N PRO A 148 -13.03 -7.21 -7.99
CA PRO A 148 -14.27 -7.01 -7.28
C PRO A 148 -14.52 -5.51 -7.05
N GLU A 149 -15.78 -5.12 -6.99
CA GLU A 149 -16.13 -3.69 -6.82
C GLU A 149 -15.28 -3.05 -5.72
N PRO A 150 -15.12 -3.61 -4.51
CA PRO A 150 -14.31 -2.95 -3.49
C PRO A 150 -12.91 -2.58 -4.01
N ILE A 151 -12.24 -3.49 -4.72
CA ILE A 151 -10.92 -3.20 -5.26
C ILE A 151 -11.01 -2.18 -6.39
N ARG A 152 -12.07 -2.24 -7.21
CA ARG A 152 -12.23 -1.20 -8.23
C ARG A 152 -12.53 0.16 -7.59
N ALA A 153 -13.24 0.18 -6.46
CA ALA A 153 -13.52 1.44 -5.80
C ALA A 153 -12.26 2.07 -5.23
N LEU A 154 -11.33 1.26 -4.72
CA LEU A 154 -10.06 1.77 -4.21
C LEU A 154 -9.23 2.40 -5.33
N LEU A 155 -9.10 1.68 -6.46
CA LEU A 155 -8.38 2.21 -7.61
C LEU A 155 -8.95 3.53 -8.12
N ALA A 156 -10.26 3.74 -7.99
CA ALA A 156 -10.85 4.97 -8.51
C ALA A 156 -10.67 6.12 -7.53
N ASN A 157 -10.74 5.83 -6.24
CA ASN A 157 -10.30 6.76 -5.20
C ASN A 157 -8.87 7.22 -5.48
N MET A 158 -7.99 6.28 -5.81
CA MET A 158 -6.62 6.66 -6.14
C MET A 158 -6.60 7.61 -7.32
N ASP A 159 -7.36 7.29 -8.38
CA ASP A 159 -7.37 8.14 -9.56
C ASP A 159 -7.83 9.55 -9.21
N ARG A 160 -8.87 9.65 -8.40
CA ARG A 160 -9.32 10.96 -7.95
C ARG A 160 -8.25 11.67 -7.15
N LEU A 161 -7.62 10.97 -6.19
CA LEU A 161 -6.57 11.60 -5.40
C LEU A 161 -5.37 12.01 -6.24
N ALA A 162 -5.14 11.32 -7.37
CA ALA A 162 -4.07 11.74 -8.29
C ALA A 162 -4.19 13.20 -8.70
N ALA A 163 -5.41 13.75 -8.69
CA ALA A 163 -5.68 15.10 -9.15
C ALA A 163 -6.06 16.05 -8.02
N ASP A 164 -5.75 15.66 -6.78
CA ASP A 164 -6.17 16.39 -5.60
C ASP A 164 -4.96 16.96 -4.89
N PRO A 165 -4.90 18.26 -4.62
CA PRO A 165 -3.73 18.85 -3.94
C PRO A 165 -3.36 18.20 -2.61
N LEU A 166 -4.24 17.38 -2.03
CA LEU A 166 -3.93 16.69 -0.78
C LEU A 166 -3.83 15.19 -0.96
N GLY A 167 -3.86 14.70 -2.20
CA GLY A 167 -3.96 13.26 -2.43
C GLY A 167 -2.72 12.50 -1.99
N ALA A 168 -1.54 12.96 -2.40
CA ALA A 168 -0.30 12.33 -1.94
C ALA A 168 -0.26 12.21 -0.42
N ALA A 169 -0.50 13.33 0.26
CA ALA A 169 -0.50 13.34 1.72
C ALA A 169 -1.49 12.32 2.28
N VAL A 170 -2.68 12.23 1.69
CA VAL A 170 -3.67 11.27 2.17
C VAL A 170 -3.21 9.84 1.92
N GLN A 171 -2.76 9.55 0.71
CA GLN A 171 -2.38 8.17 0.42
C GLN A 171 -1.20 7.73 1.26
N LEU A 172 -0.20 8.58 1.41
CA LEU A 172 1.00 8.15 2.15
C LEU A 172 0.69 8.04 3.63
N ARG A 173 -0.12 8.95 4.15
CA ARG A 173 -0.46 8.91 5.57
C ARG A 173 -1.25 7.65 5.93
N VAL A 174 -2.21 7.26 5.08
CA VAL A 174 -2.98 6.07 5.40
C VAL A 174 -2.15 4.81 5.12
N VAL A 175 -1.43 4.78 4.00
CA VAL A 175 -0.78 3.51 3.65
C VAL A 175 0.36 3.21 4.62
N GLU A 176 1.04 4.24 5.13
CA GLU A 176 2.18 3.97 5.98
C GLU A 176 1.75 3.34 7.29
N THR A 177 0.50 3.53 7.71
CA THR A 177 0.05 2.92 8.95
C THR A 177 -0.33 1.46 8.77
N ILE A 178 -0.67 1.04 7.56
CA ILE A 178 -1.11 -0.33 7.35
C ILE A 178 -0.07 -1.18 6.66
N ALA A 179 1.04 -0.58 6.22
CA ALA A 179 1.97 -1.26 5.33
C ALA A 179 2.62 -2.49 5.99
N LEU A 180 2.93 -2.40 7.29
CA LEU A 180 3.61 -3.54 7.92
C LEU A 180 2.65 -4.72 8.08
N ASP A 181 1.44 -4.46 8.54
CA ASP A 181 0.45 -5.52 8.67
C ASP A 181 0.19 -6.23 7.34
N ILE A 182 0.14 -5.49 6.22
CA ILE A 182 -0.06 -6.13 4.92
C ILE A 182 1.16 -6.98 4.57
N ALA A 183 2.35 -6.44 4.78
CA ALA A 183 3.53 -7.18 4.40
C ALA A 183 3.71 -8.43 5.24
N VAL A 184 3.29 -8.38 6.50
CA VAL A 184 3.38 -9.59 7.31
C VAL A 184 2.29 -10.54 6.90
N GLY A 185 1.11 -10.01 6.57
CA GLY A 185 0.07 -10.87 6.03
C GLY A 185 0.51 -11.60 4.77
N PHE A 186 1.29 -10.92 3.92
CA PHE A 186 1.79 -11.56 2.71
C PHE A 186 2.84 -12.61 3.03
N ARG A 187 3.68 -12.38 4.04
CA ARG A 187 4.68 -13.41 4.33
C ARG A 187 4.02 -14.64 4.94
N ARG A 188 3.00 -14.44 5.77
CA ARG A 188 2.28 -15.59 6.30
C ARG A 188 1.55 -16.32 5.18
N MET A 189 0.73 -15.61 4.41
CA MET A 189 -0.15 -16.28 3.47
C MET A 189 0.63 -16.96 2.34
N TYR A 190 1.72 -16.35 1.87
CA TYR A 190 2.43 -17.00 0.79
C TYR A 190 3.40 -18.07 1.30
N GLY A 191 3.71 -18.04 2.59
CA GLY A 191 4.40 -19.18 3.16
C GLY A 191 3.56 -20.43 3.31
N LYS A 192 2.26 -20.36 3.00
CA LYS A 192 1.33 -21.47 3.16
C LYS A 192 0.75 -21.94 1.82
N VAL A 193 1.46 -21.67 0.71
CA VAL A 193 0.99 -22.07 -0.62
C VAL A 193 1.73 -23.34 -1.00
N LEU A 194 0.97 -24.42 -1.19
CA LEU A 194 1.50 -25.76 -1.39
C LEU A 194 1.15 -26.28 -2.79
N VAL A 195 2.11 -26.93 -3.44
CA VAL A 195 1.89 -27.60 -4.72
C VAL A 195 2.22 -29.08 -4.52
N ASP A 196 1.16 -29.90 -4.43
CA ASP A 196 1.27 -31.31 -4.03
C ASP A 196 2.08 -31.46 -2.75
N GLY A 197 1.88 -30.53 -1.81
CA GLY A 197 2.56 -30.58 -0.53
C GLY A 197 3.90 -29.88 -0.46
N GLU A 198 4.29 -29.15 -1.49
CA GLU A 198 5.55 -28.42 -1.50
C GLU A 198 5.29 -26.92 -1.54
N ARG A 199 6.07 -26.16 -0.76
CA ARG A 199 6.01 -24.70 -0.82
C ARG A 199 6.43 -24.22 -2.19
N VAL A 200 5.49 -23.62 -2.93
CA VAL A 200 5.83 -22.88 -4.15
C VAL A 200 6.95 -21.91 -3.86
N PHE A 201 6.87 -21.24 -2.71
CA PHE A 201 7.90 -20.31 -2.26
C PHE A 201 8.74 -21.07 -1.22
N GLY A 202 9.74 -21.80 -1.71
CA GLY A 202 10.56 -22.64 -0.88
C GLY A 202 11.58 -21.86 -0.07
N SER A 203 12.62 -21.34 -0.73
CA SER A 203 13.75 -20.73 -0.05
C SER A 203 13.39 -19.34 0.49
N ASN A 204 14.30 -18.79 1.30
CA ASN A 204 14.07 -17.46 1.86
C ASN A 204 14.19 -16.38 0.81
N ASP A 205 15.10 -16.54 -0.14
CA ASP A 205 15.31 -15.52 -1.16
C ASP A 205 14.08 -15.29 -2.02
N GLN A 206 13.19 -16.29 -2.11
CA GLN A 206 11.97 -16.10 -2.88
C GLN A 206 11.03 -15.10 -2.22
N PHE A 207 11.32 -14.66 -1.00
CA PHE A 207 10.50 -13.72 -0.25
C PHE A 207 11.11 -12.31 -0.20
N ALA A 208 12.06 -12.01 -1.10
CA ALA A 208 12.86 -10.78 -0.95
C ALA A 208 11.99 -9.52 -0.85
N TRP A 209 11.01 -9.39 -1.75
CA TRP A 209 10.14 -8.22 -1.77
C TRP A 209 9.43 -8.04 -0.43
N ILE A 210 8.83 -9.12 0.08
CA ILE A 210 8.03 -9.02 1.29
C ILE A 210 8.89 -8.62 2.47
N ASP A 211 10.08 -9.22 2.57
CA ASP A 211 10.90 -9.02 3.76
C ASP A 211 11.61 -7.68 3.78
N ALA A 212 11.93 -7.14 2.60
CA ALA A 212 12.48 -5.80 2.55
C ALA A 212 11.46 -4.78 3.06
N HIS A 213 10.19 -5.00 2.75
CA HIS A 213 9.12 -4.14 3.24
C HIS A 213 8.92 -4.31 4.73
N ILE A 214 8.87 -5.55 5.20
CA ILE A 214 8.82 -5.78 6.64
C ILE A 214 9.93 -5.00 7.33
N LYS A 215 11.16 -5.19 6.86
CA LYS A 215 12.30 -4.52 7.49
C LYS A 215 12.16 -3.00 7.41
N ALA A 216 11.99 -2.47 6.19
CA ALA A 216 11.84 -1.03 6.01
C ALA A 216 10.72 -0.48 6.88
N GLU A 217 9.63 -1.21 7.00
CA GLU A 217 8.46 -0.65 7.67
C GLU A 217 8.58 -0.72 9.19
N THR A 218 9.17 -1.81 9.73
CA THR A 218 9.27 -1.90 11.19
C THR A 218 10.27 -0.89 11.73
N VAL A 219 11.41 -0.74 11.06
CA VAL A 219 12.39 0.23 11.55
C VAL A 219 11.81 1.62 11.46
N HIS A 220 10.98 1.86 10.44
CA HIS A 220 10.34 3.16 10.28
C HIS A 220 9.43 3.49 11.48
N ALA A 221 8.52 2.57 11.83
CA ALA A 221 7.56 2.81 12.90
C ALA A 221 8.20 2.93 14.29
N ALA A 222 9.52 2.85 14.40
CA ALA A 222 10.18 3.01 15.68
C ALA A 222 11.07 4.24 15.76
N GLN A 223 11.32 4.93 14.64
CA GLN A 223 12.22 6.08 14.59
C GLN A 223 11.50 7.40 14.34
N VAL A 224 10.32 7.58 14.91
CA VAL A 224 9.61 8.85 14.76
C VAL A 224 10.01 9.81 15.88
N GLY A 230 6.40 15.30 9.35
CA GLY A 230 5.10 14.66 9.19
C GLY A 230 4.52 14.75 7.78
N MET A 231 3.54 13.88 7.51
CA MET A 231 2.90 13.88 6.18
C MET A 231 1.94 15.05 6.03
N THR A 232 1.10 15.30 7.06
CA THR A 232 0.20 16.44 7.21
C THR A 232 0.92 17.80 7.15
N GLY A 233 2.26 17.85 7.17
CA GLY A 233 2.94 19.12 6.96
C GLY A 233 2.49 19.90 5.76
N LEU A 234 1.83 19.24 4.80
CA LEU A 234 1.28 19.87 3.61
C LEU A 234 -0.01 20.64 3.91
N VAL A 235 -0.65 20.37 5.04
CA VAL A 235 -1.93 20.97 5.41
C VAL A 235 -1.69 22.30 6.11
N THR A 236 -2.35 23.37 5.62
CA THR A 236 -2.22 24.71 6.20
C THR A 236 -3.53 25.20 6.81
N ASP A 237 -4.57 25.48 6.02
CA ASP A 237 -5.83 25.98 6.57
C ASP A 237 -6.56 24.89 7.34
N GLU A 238 -7.38 25.32 8.31
CA GLU A 238 -8.39 24.43 8.88
C GLU A 238 -9.37 23.96 7.81
N ALA A 239 -9.52 24.72 6.72
CA ALA A 239 -10.31 24.26 5.59
C ALA A 239 -9.66 23.04 4.94
N GLN A 240 -8.32 23.02 4.89
CA GLN A 240 -7.62 21.85 4.37
C GLN A 240 -7.69 20.68 5.33
N ALA A 241 -7.52 20.94 6.63
CA ALA A 241 -7.57 19.86 7.61
C ALA A 241 -8.92 19.15 7.58
N ALA A 242 -10.00 19.91 7.44
CA ALA A 242 -11.33 19.32 7.34
C ALA A 242 -11.40 18.41 6.12
N GLU A 243 -10.92 18.90 4.98
CA GLU A 243 -10.98 18.11 3.76
C GLU A 243 -10.07 16.89 3.86
N PHE A 244 -8.91 17.06 4.51
CA PHE A 244 -7.99 15.94 4.72
C PHE A 244 -8.68 14.80 5.46
N VAL A 245 -9.33 15.11 6.58
CA VAL A 245 -10.04 14.08 7.34
C VAL A 245 -11.11 13.45 6.47
N ARG A 246 -11.86 14.28 5.73
CA ARG A 246 -12.90 13.76 4.86
C ARG A 246 -12.32 12.77 3.86
N LEU A 247 -11.25 13.19 3.18
CA LEU A 247 -10.58 12.30 2.23
C LEU A 247 -10.02 11.06 2.92
N VAL A 248 -9.51 11.21 4.14
CA VAL A 248 -8.95 10.06 4.83
C VAL A 248 -10.04 9.06 5.17
N GLU A 249 -11.18 9.55 5.66
CA GLU A 249 -12.34 8.70 5.90
C GLU A 249 -12.67 7.86 4.68
N GLU A 250 -12.82 8.52 3.52
CA GLU A 250 -13.15 7.82 2.28
C GLU A 250 -12.05 6.84 1.87
N TYR A 251 -10.79 7.27 1.91
CA TYR A 251 -9.68 6.43 1.47
C TYR A 251 -9.48 5.23 2.39
N ALA A 252 -9.46 5.46 3.70
CA ALA A 252 -9.26 4.34 4.62
C ALA A 252 -10.37 3.32 4.47
N ARG A 253 -11.61 3.80 4.30
CA ARG A 253 -12.72 2.85 4.18
C ARG A 253 -12.53 1.97 2.97
N HIS A 254 -12.14 2.56 1.83
CA HIS A 254 -11.92 1.77 0.62
C HIS A 254 -10.78 0.80 0.81
N TRP A 255 -9.71 1.22 1.48
CA TRP A 255 -8.60 0.32 1.72
C TRP A 255 -9.04 -0.89 2.52
N SER A 256 -9.91 -0.69 3.52
CA SER A 256 -10.29 -1.79 4.41
C SER A 256 -11.14 -2.81 3.69
N ALA A 257 -12.15 -2.35 2.94
CA ALA A 257 -12.98 -3.27 2.18
C ALA A 257 -12.17 -3.99 1.11
N ALA A 258 -11.19 -3.32 0.51
CA ALA A 258 -10.32 -4.01 -0.45
C ALA A 258 -9.54 -5.13 0.25
N LEU A 259 -8.99 -4.83 1.43
CA LEU A 259 -8.30 -5.88 2.18
C LEU A 259 -9.28 -6.96 2.63
N GLU A 260 -10.55 -6.61 2.83
CA GLU A 260 -11.55 -7.65 3.11
C GLU A 260 -11.70 -8.61 1.93
N CYS A 261 -11.62 -8.10 0.69
CA CYS A 261 -11.64 -9.00 -0.47
C CYS A 261 -10.47 -9.97 -0.43
N PHE A 262 -9.31 -9.53 0.06
CA PHE A 262 -8.21 -10.48 0.23
C PHE A 262 -8.61 -11.55 1.23
N ALA A 263 -9.32 -11.16 2.29
CA ALA A 263 -9.74 -12.10 3.33
C ALA A 263 -10.75 -13.09 2.80
N ASP A 264 -11.81 -12.60 2.13
CA ASP A 264 -12.78 -13.51 1.56
C ASP A 264 -12.12 -14.47 0.59
N CYS A 265 -11.18 -13.96 -0.22
CA CYS A 265 -10.48 -14.81 -1.17
C CYS A 265 -9.80 -15.99 -0.49
N LEU A 266 -9.27 -15.79 0.71
CA LEU A 266 -8.58 -16.87 1.42
C LEU A 266 -9.56 -17.87 2.06
N THR A 267 -10.83 -17.49 2.15
CA THR A 267 -11.87 -18.34 2.72
C THR A 267 -13.02 -18.41 1.71
N GLY A 268 -12.77 -19.07 0.59
CA GLY A 268 -13.67 -19.14 -0.55
C GLY A 268 -15.14 -19.43 -0.26
#